data_8IXZ
#
_entry.id   8IXZ
#
_cell.length_a   104.045
_cell.length_b   104.045
_cell.length_c   101.141
_cell.angle_alpha   90.00
_cell.angle_beta   90.00
_cell.angle_gamma   120.00
#
_symmetry.space_group_name_H-M   'P 3 2 1'
#
loop_
_entity.id
_entity.type
_entity.pdbx_description
1 polymer p26
2 non-polymer "3'2'-cGAMP"
3 water water
#
_entity_poly.entity_id   1
_entity_poly.type   'polypeptide(L)'
_entity_poly.pdbx_seq_one_letter_code
;DNQHKKIKGYRDLSQEEIDMMNRVKELGSQFEKLIQDVSDHLRGQYNASLHNRDEITRIANAEPGRWLAIGKTDIQTGMM
AIIRAIAQPDSF
;
_entity_poly.pdbx_strand_id   A,B,C,D,E,F
#
# COMPACT_ATOMS: atom_id res chain seq x y z
N ASP A 1 44.50 56.15 -25.92
CA ASP A 1 44.89 57.02 -24.82
C ASP A 1 43.81 58.04 -24.46
N ASN A 2 43.53 58.18 -23.16
CA ASN A 2 42.50 59.10 -22.65
C ASN A 2 41.17 58.87 -23.33
N GLN A 3 40.71 57.62 -23.33
CA GLN A 3 39.52 57.27 -24.10
C GLN A 3 38.27 57.99 -23.62
N HIS A 4 38.22 58.41 -22.35
CA HIS A 4 37.00 59.07 -21.87
C HIS A 4 36.75 60.39 -22.58
N LYS A 5 37.79 61.01 -23.15
CA LYS A 5 37.63 62.25 -23.88
C LYS A 5 36.99 62.05 -25.26
N LYS A 6 36.95 60.81 -25.75
CA LYS A 6 36.32 60.48 -27.01
C LYS A 6 34.86 60.06 -26.86
N ILE A 7 34.42 59.80 -25.65
CA ILE A 7 33.06 59.40 -25.41
C ILE A 7 32.22 60.60 -25.06
N LYS A 8 31.09 60.74 -25.73
CA LYS A 8 30.22 61.88 -25.53
C LYS A 8 29.67 61.99 -24.15
N GLY A 9 29.65 63.19 -23.63
CA GLY A 9 29.09 63.44 -22.32
C GLY A 9 29.99 63.18 -21.15
N TYR A 10 31.08 62.51 -21.38
CA TYR A 10 31.94 62.16 -20.26
C TYR A 10 32.77 63.38 -19.94
N ARG A 11 32.82 63.73 -18.67
CA ARG A 11 33.65 64.85 -18.25
C ARG A 11 34.84 64.32 -17.46
N ASP A 12 35.83 65.20 -17.32
CA ASP A 12 36.98 64.93 -16.46
C ASP A 12 36.51 64.79 -15.02
N LEU A 13 37.06 63.82 -14.32
CA LEU A 13 36.64 63.45 -12.97
C LEU A 13 37.77 63.78 -12.00
N SER A 14 37.42 64.27 -10.84
CA SER A 14 38.40 64.46 -9.79
C SER A 14 38.73 63.13 -9.13
N GLN A 15 39.84 63.13 -8.37
CA GLN A 15 40.24 61.93 -7.64
C GLN A 15 39.21 61.56 -6.58
N GLU A 16 38.58 62.59 -5.98
CA GLU A 16 37.50 62.37 -5.02
C GLU A 16 36.34 61.63 -5.66
N GLU A 17 35.96 62.04 -6.89
CA GLU A 17 34.87 61.39 -7.61
C GLU A 17 35.24 59.95 -7.99
N ILE A 18 36.48 59.72 -8.42
CA ILE A 18 36.90 58.37 -8.76
C ILE A 18 36.89 57.50 -7.51
N ASP A 19 37.27 58.07 -6.37
CA ASP A 19 37.28 57.33 -5.12
C ASP A 19 35.88 56.92 -4.71
N MET A 20 34.91 57.81 -4.84
CA MET A 20 33.54 57.43 -4.50
C MET A 20 32.99 56.37 -5.46
N MET A 21 33.27 56.52 -6.76
CA MET A 21 32.86 55.50 -7.72
C MET A 21 33.46 54.14 -7.35
N ASN A 22 34.74 54.10 -7.03
CA ASN A 22 35.35 52.85 -6.66
C ASN A 22 34.79 52.24 -5.40
N ARG A 23 34.34 53.07 -4.48
CA ARG A 23 33.71 52.58 -3.27
C ARG A 23 32.41 51.86 -3.56
N VAL A 24 31.62 52.36 -4.49
CA VAL A 24 30.39 51.68 -4.89
C VAL A 24 30.71 50.32 -5.49
N LYS A 25 31.70 50.28 -6.36
CA LYS A 25 32.06 49.05 -7.01
C LYS A 25 32.55 48.02 -6.04
N GLU A 26 33.26 48.45 -5.03
CA GLU A 26 33.71 47.55 -3.98
C GLU A 26 32.59 46.98 -3.10
N LEU A 27 31.60 47.78 -2.76
CA LEU A 27 30.50 47.28 -1.98
C LEU A 27 29.71 46.30 -2.83
N GLY A 28 29.75 46.51 -4.14
CA GLY A 28 29.11 45.59 -5.04
C GLY A 28 29.80 44.27 -5.09
N SER A 29 31.10 44.28 -4.89
CA SER A 29 31.85 43.05 -4.87
C SER A 29 31.41 42.18 -3.71
N GLN A 30 31.12 42.79 -2.58
CA GLN A 30 30.63 42.04 -1.45
C GLN A 30 29.24 41.52 -1.70
N PHE A 31 28.43 42.24 -2.46
CA PHE A 31 27.14 41.72 -2.84
C PHE A 31 27.29 40.56 -3.79
N GLU A 32 28.23 40.61 -4.70
CA GLU A 32 28.51 39.50 -5.58
C GLU A 32 28.85 38.25 -4.78
N LYS A 33 29.67 38.39 -3.75
CA LYS A 33 29.98 37.26 -2.92
C LYS A 33 28.75 36.73 -2.21
N LEU A 34 27.93 37.63 -1.69
CA LEU A 34 26.72 37.21 -1.01
C LEU A 34 25.81 36.49 -1.99
N ILE A 35 25.70 37.00 -3.20
CA ILE A 35 24.81 36.34 -4.13
C ILE A 35 25.33 34.95 -4.48
N GLN A 36 26.64 34.83 -4.68
CA GLN A 36 27.26 33.52 -4.87
C GLN A 36 26.95 32.58 -3.70
N ASP A 37 27.07 33.10 -2.47
CA ASP A 37 26.76 32.26 -1.31
C ASP A 37 25.30 31.83 -1.33
N VAL A 38 24.40 32.72 -1.74
CA VAL A 38 22.98 32.34 -1.81
C VAL A 38 22.77 31.28 -2.87
N SER A 39 23.43 31.46 -4.01
CA SER A 39 23.28 30.50 -5.10
C SER A 39 23.78 29.12 -4.68
N ASP A 40 24.91 29.07 -3.96
CA ASP A 40 25.40 27.81 -3.39
C ASP A 40 24.39 27.22 -2.41
N HIS A 41 23.80 28.07 -1.57
CA HIS A 41 22.78 27.59 -0.65
C HIS A 41 21.62 26.96 -1.41
N LEU A 42 21.20 27.55 -2.51
CA LEU A 42 20.11 27.00 -3.30
C LEU A 42 20.44 25.66 -3.95
N ARG A 43 21.65 25.49 -4.45
CA ARG A 43 22.05 24.23 -5.03
C ARG A 43 22.05 23.12 -4.04
N GLY A 44 22.52 23.39 -2.84
CA GLY A 44 22.53 22.41 -1.80
C GLY A 44 21.15 22.11 -1.29
N GLN A 45 20.33 23.14 -1.20
CA GLN A 45 18.95 22.90 -0.79
C GLN A 45 18.23 22.04 -1.80
N TYR A 46 18.41 22.33 -3.09
CA TYR A 46 17.80 21.50 -4.11
C TYR A 46 18.38 20.08 -4.06
N ASN A 47 19.70 19.96 -3.88
CA ASN A 47 20.36 18.67 -3.83
C ASN A 47 19.85 17.82 -2.68
N ALA A 48 19.73 18.42 -1.49
CA ALA A 48 19.25 17.70 -0.33
C ALA A 48 17.81 17.27 -0.49
N SER A 49 17.08 17.87 -1.41
CA SER A 49 15.65 17.61 -1.57
C SER A 49 15.33 16.65 -2.68
N LEU A 50 16.36 16.12 -3.36
CA LEU A 50 16.09 15.20 -4.46
C LEU A 50 15.24 14.05 -3.94
N HIS A 51 14.27 13.62 -4.74
CA HIS A 51 13.41 12.51 -4.35
C HIS A 51 12.61 12.83 -3.08
N ASN A 52 12.38 14.12 -2.84
CA ASN A 52 11.29 14.60 -2.00
C ASN A 52 10.46 15.45 -2.95
N ARG A 53 9.62 14.77 -3.73
CA ARG A 53 8.71 15.39 -4.70
C ARG A 53 8.05 16.65 -4.14
N ASP A 54 7.54 16.61 -2.90
CA ASP A 54 6.79 17.75 -2.38
C ASP A 54 7.70 18.94 -2.15
N GLU A 55 8.92 18.69 -1.69
CA GLU A 55 9.82 19.80 -1.42
C GLU A 55 10.42 20.33 -2.73
N ILE A 56 10.73 19.43 -3.68
CA ILE A 56 11.15 19.88 -5.01
C ILE A 56 10.08 20.75 -5.66
N THR A 57 8.80 20.35 -5.55
CA THR A 57 7.71 21.16 -6.09
C THR A 57 7.62 22.51 -5.38
N ARG A 58 7.79 22.52 -4.06
CA ARG A 58 7.74 23.79 -3.34
C ARG A 58 8.83 24.72 -3.83
N ILE A 59 10.07 24.20 -3.97
CA ILE A 59 11.19 25.02 -4.41
C ILE A 59 10.93 25.56 -5.81
N ALA A 60 10.48 24.69 -6.71
CA ALA A 60 10.20 25.10 -8.09
C ALA A 60 9.08 26.13 -8.16
N ASN A 61 8.09 26.03 -7.27
CA ASN A 61 7.02 27.03 -7.25
C ASN A 61 7.52 28.36 -6.69
N ALA A 62 8.47 28.34 -5.76
CA ALA A 62 9.00 29.58 -5.21
C ALA A 62 9.94 30.29 -6.17
N GLU A 63 10.53 29.59 -7.14
CA GLU A 63 11.40 30.12 -8.19
C GLU A 63 12.61 30.89 -7.67
N PRO A 64 13.36 30.37 -6.70
CA PRO A 64 14.35 31.23 -6.02
C PRO A 64 15.51 31.64 -6.90
N GLY A 65 15.92 30.82 -7.86
CA GLY A 65 16.97 31.23 -8.78
C GLY A 65 16.57 32.40 -9.65
N ARG A 66 15.31 32.43 -10.06
CA ARG A 66 14.79 33.57 -10.79
C ARG A 66 14.79 34.84 -9.91
N TRP A 67 14.38 34.73 -8.64
CA TRP A 67 14.38 35.88 -7.74
C TRP A 67 15.79 36.34 -7.40
N LEU A 68 16.71 35.41 -7.30
CA LEU A 68 18.12 35.74 -7.11
C LEU A 68 18.68 36.49 -8.33
N ALA A 69 18.31 36.07 -9.54
CA ALA A 69 18.72 36.84 -10.72
C ALA A 69 18.08 38.24 -10.77
N ILE A 70 16.80 38.33 -10.38
CA ILE A 70 16.15 39.65 -10.31
C ILE A 70 16.89 40.55 -9.32
N GLY A 71 17.20 40.04 -8.14
CA GLY A 71 17.89 40.84 -7.15
C GLY A 71 19.27 41.27 -7.61
N LYS A 72 20.00 40.36 -8.26
CA LYS A 72 21.31 40.72 -8.81
C LYS A 72 21.19 41.87 -9.80
N THR A 73 20.25 41.79 -10.75
CA THR A 73 20.09 42.87 -11.72
C THR A 73 19.78 44.20 -11.03
N ASP A 74 18.91 44.18 -10.02
CA ASP A 74 18.59 45.42 -9.32
C ASP A 74 19.81 45.98 -8.60
N ILE A 75 20.61 45.10 -7.99
CA ILE A 75 21.82 45.59 -7.31
C ILE A 75 22.76 46.25 -8.31
N GLN A 76 22.97 45.61 -9.46
CA GLN A 76 23.92 46.17 -10.43
C GLN A 76 23.41 47.47 -11.04
N THR A 77 22.13 47.56 -11.39
CA THR A 77 21.64 48.79 -11.96
C THR A 77 21.52 49.91 -10.91
N GLY A 78 21.29 49.56 -9.66
CA GLY A 78 21.37 50.54 -8.61
C GLY A 78 22.76 51.09 -8.46
N MET A 79 23.75 50.20 -8.53
CA MET A 79 25.14 50.65 -8.52
C MET A 79 25.38 51.63 -9.67
N MET A 80 24.89 51.27 -10.86
CA MET A 80 25.11 52.13 -12.02
C MET A 80 24.51 53.50 -11.81
N ALA A 81 23.33 53.56 -11.18
CA ALA A 81 22.65 54.83 -10.95
C ALA A 81 23.38 55.68 -9.90
N ILE A 82 23.88 55.05 -8.84
CA ILE A 82 24.67 55.77 -7.84
C ILE A 82 25.94 56.33 -8.46
N ILE A 83 26.61 55.51 -9.27
CA ILE A 83 27.84 55.98 -9.90
C ILE A 83 27.53 57.11 -10.87
N ARG A 84 26.37 57.04 -11.54
CA ARG A 84 25.98 58.16 -12.40
C ARG A 84 25.76 59.43 -11.58
N ALA A 85 25.13 59.31 -10.41
CA ALA A 85 24.96 60.52 -9.60
C ALA A 85 26.31 61.12 -9.25
N ILE A 86 27.34 60.27 -9.07
CA ILE A 86 28.66 60.82 -8.76
C ILE A 86 29.34 61.38 -10.02
N ALA A 87 29.44 60.56 -11.08
CA ALA A 87 30.20 60.93 -12.26
C ALA A 87 29.48 61.98 -13.11
N GLN A 88 28.15 62.02 -13.06
CA GLN A 88 27.42 63.10 -13.70
C GLN A 88 27.79 63.30 -15.18
N PRO A 89 27.39 62.38 -16.07
CA PRO A 89 27.63 62.64 -17.50
C PRO A 89 26.82 63.83 -17.99
N ASP A 90 27.32 64.43 -19.06
CA ASP A 90 26.80 65.62 -19.71
C ASP A 90 25.84 65.29 -20.86
N SER A 91 25.23 64.12 -20.86
CA SER A 91 24.36 63.68 -21.94
C SER A 91 23.08 63.12 -21.35
N PHE A 92 22.04 63.11 -22.17
CA PHE A 92 20.77 62.51 -21.84
C PHE A 92 20.95 61.06 -21.32
N ASN B 2 -7.96 -6.70 -26.53
CA ASN B 2 -8.62 -6.13 -27.70
C ASN B 2 -7.62 -5.42 -28.56
N GLN B 3 -6.84 -4.54 -27.94
CA GLN B 3 -5.91 -3.69 -28.68
C GLN B 3 -4.91 -4.40 -29.54
N HIS B 4 -4.36 -5.49 -29.04
CA HIS B 4 -3.32 -6.15 -29.77
C HIS B 4 -3.75 -6.62 -31.12
N LYS B 5 -4.99 -7.06 -31.22
CA LYS B 5 -5.54 -7.49 -32.49
C LYS B 5 -5.60 -6.37 -33.47
N LYS B 6 -5.90 -5.18 -32.98
CA LYS B 6 -5.93 -4.01 -33.84
C LYS B 6 -4.59 -3.56 -34.42
N ILE B 7 -3.50 -3.79 -33.70
CA ILE B 7 -2.19 -3.41 -34.18
C ILE B 7 -1.58 -4.46 -35.10
N LYS B 8 -1.11 -4.04 -36.26
CA LYS B 8 -0.52 -4.94 -37.23
C LYS B 8 0.68 -5.73 -36.74
N GLY B 9 0.66 -7.03 -36.96
CA GLY B 9 1.77 -7.87 -36.60
C GLY B 9 1.79 -8.39 -35.21
N TYR B 10 0.90 -7.90 -34.40
CA TYR B 10 0.97 -8.32 -33.04
C TYR B 10 0.20 -9.61 -33.02
N ARG B 11 0.85 -10.68 -32.61
CA ARG B 11 0.21 -11.96 -32.55
C ARG B 11 -0.17 -12.26 -31.10
N ASP B 12 -1.09 -13.20 -30.93
CA ASP B 12 -1.45 -13.63 -29.60
C ASP B 12 -0.21 -14.20 -28.91
N LEU B 13 -0.06 -13.91 -27.62
CA LEU B 13 1.15 -14.26 -26.89
C LEU B 13 0.84 -15.27 -25.80
N SER B 14 1.72 -16.25 -25.65
CA SER B 14 1.58 -17.22 -24.58
C SER B 14 1.91 -16.57 -23.24
N GLN B 15 1.48 -17.21 -22.16
CA GLN B 15 1.78 -16.70 -20.83
C GLN B 15 3.27 -16.79 -20.53
N GLU B 16 3.92 -17.83 -21.04
CA GLU B 16 5.37 -17.95 -20.88
C GLU B 16 6.08 -16.76 -21.50
N GLU B 17 5.62 -16.34 -22.70
CA GLU B 17 6.22 -15.20 -23.37
C GLU B 17 5.99 -13.91 -22.58
N ILE B 18 4.78 -13.73 -22.05
CA ILE B 18 4.48 -12.54 -21.25
C ILE B 18 5.33 -12.53 -19.99
N ASP B 19 5.54 -13.68 -19.40
CA ASP B 19 6.36 -13.76 -18.23
C ASP B 19 7.77 -13.34 -18.54
N MET B 20 8.31 -13.82 -19.66
CA MET B 20 9.67 -13.49 -20.03
C MET B 20 9.83 -12.02 -20.31
N MET B 21 8.85 -11.46 -20.98
CA MET B 21 8.89 -10.05 -21.27
C MET B 21 8.92 -9.25 -19.99
N ASN B 22 8.08 -9.62 -19.06
CA ASN B 22 8.02 -8.85 -17.83
C ASN B 22 9.32 -8.93 -17.07
N ARG B 23 10.03 -10.02 -17.20
CA ARG B 23 11.31 -10.19 -16.53
C ARG B 23 12.33 -9.18 -17.00
N VAL B 24 12.36 -8.91 -18.28
CA VAL B 24 13.27 -7.93 -18.83
C VAL B 24 12.93 -6.55 -18.33
N LYS B 25 11.64 -6.25 -18.28
CA LYS B 25 11.19 -4.96 -17.81
C LYS B 25 11.53 -4.76 -16.34
N GLU B 26 11.45 -5.81 -15.53
CA GLU B 26 11.84 -5.73 -14.13
C GLU B 26 13.32 -5.52 -13.95
N LEU B 27 14.12 -6.17 -14.77
CA LEU B 27 15.56 -5.96 -14.71
C LEU B 27 15.84 -4.53 -15.09
N GLY B 28 15.09 -4.01 -16.04
CA GLY B 28 15.23 -2.63 -16.43
C GLY B 28 14.95 -1.67 -15.33
N SER B 29 13.99 -2.01 -14.48
CA SER B 29 13.68 -1.18 -13.35
C SER B 29 14.89 -1.05 -12.45
N GLN B 30 15.62 -2.13 -12.26
CA GLN B 30 16.82 -2.07 -11.46
C GLN B 30 17.86 -1.14 -12.08
N PHE B 31 17.99 -1.18 -13.39
CA PHE B 31 18.91 -0.28 -14.07
C PHE B 31 18.48 1.17 -13.93
N GLU B 32 17.19 1.45 -13.94
CA GLU B 32 16.71 2.78 -13.77
C GLU B 32 17.14 3.31 -12.41
N LYS B 33 17.05 2.49 -11.39
CA LYS B 33 17.49 2.90 -10.09
C LYS B 33 18.97 3.22 -10.09
N LEU B 34 19.77 2.38 -10.72
CA LEU B 34 21.20 2.61 -10.78
C LEU B 34 21.53 3.89 -11.52
N ILE B 35 20.81 4.17 -12.60
CA ILE B 35 21.01 5.40 -13.34
C ILE B 35 20.66 6.60 -12.48
N GLN B 36 19.59 6.50 -11.72
CA GLN B 36 19.24 7.56 -10.80
C GLN B 36 20.30 7.74 -9.76
N ASP B 37 20.83 6.64 -9.24
CA ASP B 37 21.91 6.73 -8.28
C ASP B 37 23.16 7.36 -8.86
N VAL B 38 23.48 7.08 -10.11
CA VAL B 38 24.63 7.70 -10.76
C VAL B 38 24.38 9.17 -11.02
N SER B 39 23.16 9.52 -11.38
CA SER B 39 22.84 10.90 -11.62
C SER B 39 23.01 11.65 -10.32
N ASP B 40 22.59 11.03 -9.22
CA ASP B 40 22.76 11.62 -7.94
C ASP B 40 24.22 11.82 -7.60
N HIS B 41 25.07 10.88 -7.96
CA HIS B 41 26.49 11.02 -7.72
C HIS B 41 27.07 12.17 -8.44
N LEU B 42 26.67 12.33 -9.69
CA LEU B 42 27.16 13.43 -10.47
C LEU B 42 26.74 14.77 -9.90
N ARG B 43 25.51 14.87 -9.45
CA ARG B 43 25.03 16.10 -8.87
C ARG B 43 25.82 16.45 -7.64
N GLY B 44 26.08 15.46 -6.82
CA GLY B 44 26.90 15.70 -5.65
C GLY B 44 28.31 16.09 -5.97
N GLN B 45 28.93 15.45 -6.95
CA GLN B 45 30.30 15.73 -7.32
C GLN B 45 30.45 17.13 -7.84
N TYR B 46 29.52 17.55 -8.67
CA TYR B 46 29.57 18.87 -9.22
C TYR B 46 29.42 19.95 -8.17
N ASN B 47 28.53 19.75 -7.23
CA ASN B 47 28.31 20.76 -6.22
C ASN B 47 29.51 20.83 -5.33
N ALA B 48 30.12 19.69 -5.02
CA ALA B 48 31.28 19.66 -4.16
C ALA B 48 32.50 20.20 -4.85
N SER B 49 32.46 20.27 -6.15
CA SER B 49 33.59 20.76 -6.89
C SER B 49 33.43 22.19 -7.29
N LEU B 50 32.36 22.82 -6.83
CA LEU B 50 32.13 24.20 -7.22
C LEU B 50 33.24 25.03 -6.68
N HIS B 51 33.67 26.00 -7.46
CA HIS B 51 34.78 26.89 -7.06
C HIS B 51 36.16 26.29 -7.21
N ASN B 52 36.26 25.11 -7.83
CA ASN B 52 37.55 24.52 -8.14
C ASN B 52 37.37 24.46 -9.62
N ARG B 53 37.89 25.44 -10.33
CA ARG B 53 37.70 25.53 -11.76
C ARG B 53 38.30 24.35 -12.50
N ASP B 54 39.44 23.86 -12.04
CA ASP B 54 40.03 22.72 -12.66
C ASP B 54 39.16 21.48 -12.56
N GLU B 55 38.55 21.21 -11.41
CA GLU B 55 37.63 20.10 -11.33
C GLU B 55 36.42 20.27 -12.20
N ILE B 56 35.87 21.47 -12.23
CA ILE B 56 34.71 21.75 -13.05
C ILE B 56 35.02 21.59 -14.51
N THR B 57 36.16 22.05 -14.94
CA THR B 57 36.55 21.90 -16.32
C THR B 57 36.72 20.42 -16.68
N ARG B 58 37.29 19.64 -15.78
CA ARG B 58 37.47 18.22 -16.02
C ARG B 58 36.16 17.49 -16.15
N ILE B 59 35.20 17.81 -15.29
CA ILE B 59 33.89 17.20 -15.37
C ILE B 59 33.25 17.63 -16.66
N ALA B 60 33.39 18.88 -17.01
CA ALA B 60 32.78 19.36 -18.21
C ALA B 60 33.36 18.71 -19.45
N ASN B 61 34.64 18.49 -19.43
CA ASN B 61 35.27 17.89 -20.56
C ASN B 61 34.91 16.41 -20.63
N ALA B 62 34.71 15.79 -19.47
CA ALA B 62 34.32 14.38 -19.49
C ALA B 62 32.87 14.17 -19.94
N GLU B 63 32.01 15.18 -19.82
CA GLU B 63 30.61 15.11 -20.26
C GLU B 63 29.81 13.92 -19.67
N PRO B 64 29.94 13.69 -18.35
CA PRO B 64 29.36 12.45 -17.79
C PRO B 64 27.84 12.39 -17.86
N GLY B 65 27.15 13.52 -17.79
CA GLY B 65 25.70 13.47 -17.94
C GLY B 65 25.32 12.99 -19.32
N ARG B 66 26.09 13.41 -20.30
CA ARG B 66 25.86 12.98 -21.67
C ARG B 66 26.06 11.46 -21.81
N TRP B 67 27.14 10.92 -21.22
CA TRP B 67 27.40 9.49 -21.29
C TRP B 67 26.35 8.70 -20.54
N LEU B 68 25.87 9.21 -19.42
CA LEU B 68 24.81 8.55 -18.68
C LEU B 68 23.52 8.50 -19.49
N ALA B 69 23.19 9.60 -20.20
CA ALA B 69 22.04 9.55 -21.09
C ALA B 69 22.23 8.57 -22.25
N ILE B 70 23.43 8.51 -22.82
CA ILE B 70 23.72 7.55 -23.89
C ILE B 70 23.50 6.13 -23.37
N GLY B 71 24.04 5.83 -22.18
CA GLY B 71 23.87 4.52 -21.60
C GLY B 71 22.41 4.17 -21.33
N LYS B 72 21.64 5.13 -20.81
CA LYS B 72 20.22 4.90 -20.57
C LYS B 72 19.51 4.51 -21.86
N THR B 73 19.77 5.27 -22.93
CA THR B 73 19.16 4.94 -24.22
C THR B 73 19.56 3.53 -24.67
N ASP B 74 20.84 3.18 -24.53
CA ASP B 74 21.24 1.85 -24.97
C ASP B 74 20.55 0.76 -24.15
N ILE B 75 20.42 0.97 -22.83
CA ILE B 75 19.72 -0.02 -22.03
C ILE B 75 18.27 -0.14 -22.48
N GLN B 76 17.62 0.98 -22.76
CA GLN B 76 16.21 0.84 -23.12
C GLN B 76 16.02 0.20 -24.49
N THR B 77 16.84 0.58 -25.48
CA THR B 77 16.66 -0.01 -26.79
C THR B 77 17.07 -1.47 -26.77
N GLY B 78 18.04 -1.84 -25.93
CA GLY B 78 18.36 -3.23 -25.73
C GLY B 78 17.22 -4.03 -25.14
N MET B 79 16.58 -3.48 -24.10
CA MET B 79 15.39 -4.14 -23.56
C MET B 79 14.36 -4.34 -24.66
N MET B 80 14.14 -3.29 -25.47
CA MET B 80 13.14 -3.38 -26.53
C MET B 80 13.48 -4.49 -27.52
N ALA B 81 14.77 -4.66 -27.85
CA ALA B 81 15.19 -5.69 -28.82
C ALA B 81 15.08 -7.09 -28.24
N ILE B 82 15.45 -7.27 -26.97
CA ILE B 82 15.29 -8.57 -26.32
C ILE B 82 13.82 -8.95 -26.28
N ILE B 83 12.97 -7.99 -25.92
CA ILE B 83 11.54 -8.25 -25.88
C ILE B 83 11.00 -8.50 -27.28
N ARG B 84 11.55 -7.86 -28.30
CA ARG B 84 11.14 -8.22 -29.65
C ARG B 84 11.52 -9.67 -30.00
N ALA B 85 12.72 -10.12 -29.59
CA ALA B 85 13.08 -11.53 -29.82
C ALA B 85 12.11 -12.48 -29.13
N ILE B 86 11.56 -12.07 -27.99
CA ILE B 86 10.57 -12.90 -27.33
C ILE B 86 9.22 -12.82 -28.05
N ALA B 87 8.70 -11.59 -28.19
CA ALA B 87 7.33 -11.39 -28.66
C ALA B 87 7.18 -11.65 -30.15
N GLN B 88 8.23 -11.44 -30.93
CA GLN B 88 8.24 -11.82 -32.33
C GLN B 88 7.04 -11.28 -33.11
N PRO B 89 6.99 -9.97 -33.38
CA PRO B 89 5.92 -9.43 -34.23
C PRO B 89 5.98 -10.00 -35.64
N ASP B 90 4.83 -9.91 -36.30
CA ASP B 90 4.54 -10.45 -37.62
C ASP B 90 4.72 -9.44 -38.74
N SER B 91 5.47 -8.37 -38.50
CA SER B 91 5.66 -7.30 -39.46
C SER B 91 7.12 -6.92 -39.50
N PHE B 92 7.50 -6.27 -40.58
CA PHE B 92 8.83 -5.71 -40.74
C PHE B 92 9.23 -4.80 -39.56
N ASN C 2 -6.15 22.97 -7.62
CA ASN C 2 -6.06 22.74 -6.18
C ASN C 2 -7.32 22.10 -5.65
N GLN C 3 -7.20 20.99 -4.95
CA GLN C 3 -8.40 20.32 -4.54
C GLN C 3 -9.28 21.07 -3.58
N HIS C 4 -8.70 21.82 -2.66
CA HIS C 4 -9.52 22.46 -1.66
C HIS C 4 -10.48 23.41 -2.26
N LYS C 5 -10.04 24.18 -3.25
CA LYS C 5 -10.96 25.08 -3.95
C LYS C 5 -12.05 24.34 -4.71
N LYS C 6 -11.76 23.14 -5.18
CA LYS C 6 -12.73 22.30 -5.83
C LYS C 6 -13.83 21.83 -4.91
N ILE C 7 -13.50 21.58 -3.66
CA ILE C 7 -14.47 21.06 -2.71
C ILE C 7 -15.35 22.12 -2.07
N LYS C 8 -16.66 21.88 -2.02
CA LYS C 8 -17.59 22.83 -1.46
C LYS C 8 -17.34 23.14 0.01
N GLY C 9 -17.33 24.43 0.35
CA GLY C 9 -17.16 24.85 1.71
C GLY C 9 -15.76 24.98 2.24
N TYR C 10 -14.78 24.59 1.45
CA TYR C 10 -13.45 24.63 2.00
C TYR C 10 -12.87 25.98 1.72
N ARG C 11 -12.21 26.55 2.70
CA ARG C 11 -11.59 27.85 2.56
C ARG C 11 -10.07 27.74 2.66
N ASP C 12 -9.40 28.81 2.23
CA ASP C 12 -7.96 28.91 2.41
C ASP C 12 -7.64 28.88 3.90
N LEU C 13 -6.58 28.17 4.25
CA LEU C 13 -6.19 27.94 5.63
C LEU C 13 -4.87 28.63 5.92
N SER C 14 -4.81 29.31 7.06
CA SER C 14 -3.56 29.87 7.51
C SER C 14 -2.61 28.79 8.03
N GLN C 15 -1.34 29.14 8.13
CA GLN C 15 -0.38 28.19 8.67
C GLN C 15 -0.67 27.90 10.14
N GLU C 16 -1.18 28.89 10.88
CA GLU C 16 -1.57 28.69 12.27
C GLU C 16 -2.66 27.62 12.39
N GLU C 17 -3.65 27.67 11.50
CA GLU C 17 -4.74 26.69 11.49
C GLU C 17 -4.23 25.30 11.12
N ILE C 18 -3.38 25.23 10.10
CA ILE C 18 -2.83 23.96 9.67
C ILE C 18 -1.98 23.36 10.78
N ASP C 19 -1.27 24.21 11.52
CA ASP C 19 -0.46 23.74 12.64
C ASP C 19 -1.34 23.11 13.72
N MET C 20 -2.44 23.74 14.07
CA MET C 20 -3.31 23.17 15.07
C MET C 20 -3.92 21.85 14.63
N MET C 21 -4.32 21.77 13.38
CA MET C 21 -4.90 20.55 12.86
C MET C 21 -3.95 19.38 12.86
N ASN C 22 -2.71 19.61 12.48
CA ASN C 22 -1.72 18.56 12.48
C ASN C 22 -1.41 18.10 13.86
N ARG C 23 -1.48 19.00 14.82
CA ARG C 23 -1.25 18.66 16.18
C ARG C 23 -2.29 17.65 16.64
N VAL C 24 -3.52 17.84 16.24
CA VAL C 24 -4.57 16.88 16.55
C VAL C 24 -4.28 15.57 15.88
N LYS C 25 -3.86 15.61 14.65
CA LYS C 25 -3.53 14.42 13.96
C LYS C 25 -2.35 13.68 14.57
N GLU C 26 -1.33 14.42 15.03
CA GLU C 26 -0.20 13.81 15.72
C GLU C 26 -0.55 13.19 17.06
N LEU C 27 -1.43 13.83 17.81
CA LEU C 27 -1.89 13.29 19.07
C LEU C 27 -2.67 12.04 18.76
N GLY C 28 -3.39 12.06 17.65
CA GLY C 28 -4.11 10.89 17.24
C GLY C 28 -3.19 9.73 16.96
N SER C 29 -2.03 10.01 16.39
CA SER C 29 -1.09 8.95 16.10
C SER C 29 -0.63 8.32 17.40
N GLN C 30 -0.47 9.09 18.44
CA GLN C 30 -0.15 8.52 19.72
C GLN C 30 -1.28 7.67 20.24
N PHE C 31 -2.51 8.10 20.02
CA PHE C 31 -3.63 7.29 20.41
C PHE C 31 -3.70 6.03 19.56
N GLU C 32 -3.32 6.10 18.30
CA GLU C 32 -3.29 4.92 17.47
C GLU C 32 -2.32 3.92 18.09
N LYS C 33 -1.10 4.38 18.40
CA LYS C 33 -0.10 3.54 19.04
C LYS C 33 -0.65 2.94 20.34
N LEU C 34 -1.30 3.77 21.18
CA LEU C 34 -1.86 3.28 22.44
C LEU C 34 -2.93 2.20 22.22
N ILE C 35 -3.80 2.42 21.24
CA ILE C 35 -4.82 1.44 20.95
C ILE C 35 -4.16 0.15 20.51
N GLN C 36 -3.05 0.20 19.81
CA GLN C 36 -2.41 -1.03 19.32
C GLN C 36 -1.82 -1.84 20.47
N ASP C 37 -1.27 -1.15 21.45
CA ASP C 37 -0.74 -1.84 22.59
C ASP C 37 -1.84 -2.58 23.38
N VAL C 38 -3.01 -1.96 23.52
CA VAL C 38 -4.12 -2.61 24.18
C VAL C 38 -4.56 -3.83 23.39
N SER C 39 -4.56 -3.72 22.09
CA SER C 39 -4.96 -4.84 21.27
C SER C 39 -4.04 -6.00 21.51
N ASP C 40 -2.75 -5.74 21.57
CA ASP C 40 -1.77 -6.76 21.84
C ASP C 40 -1.94 -7.36 23.23
N HIS C 41 -2.24 -6.54 24.22
CA HIS C 41 -2.45 -7.04 25.55
C HIS C 41 -3.60 -7.97 25.58
N LEU C 42 -4.66 -7.61 24.89
CA LEU C 42 -5.82 -8.46 24.83
C LEU C 42 -5.53 -9.76 24.10
N ARG C 43 -4.77 -9.69 23.02
CA ARG C 43 -4.47 -10.89 22.28
C ARG C 43 -3.72 -11.83 23.18
N GLY C 44 -2.78 -11.33 23.97
CA GLY C 44 -2.03 -12.15 24.88
C GLY C 44 -2.91 -12.74 25.96
N GLN C 45 -3.79 -11.95 26.53
CA GLN C 45 -4.64 -12.41 27.60
C GLN C 45 -5.48 -13.57 27.16
N TYR C 46 -6.05 -13.50 25.98
CA TYR C 46 -6.90 -14.55 25.48
C TYR C 46 -6.12 -15.80 25.27
N ASN C 47 -4.95 -15.67 24.70
CA ASN C 47 -4.20 -16.84 24.37
C ASN C 47 -3.67 -17.49 25.61
N ALA C 48 -3.24 -16.69 26.55
CA ALA C 48 -2.75 -17.23 27.79
C ALA C 48 -3.84 -17.95 28.52
N SER C 49 -5.05 -17.43 28.46
CA SER C 49 -6.13 -18.01 29.22
C SER C 49 -6.90 -19.04 28.42
N LEU C 50 -6.41 -19.40 27.25
CA LEU C 50 -7.06 -20.45 26.49
C LEU C 50 -7.06 -21.71 27.30
N HIS C 51 -8.15 -22.47 27.23
CA HIS C 51 -8.32 -23.70 28.02
C HIS C 51 -8.76 -23.50 29.45
N ASN C 52 -8.85 -22.25 29.92
CA ASN C 52 -9.44 -22.01 31.23
C ASN C 52 -10.78 -21.53 30.80
N ARG C 53 -11.78 -22.39 30.88
CA ARG C 53 -13.09 -22.05 30.39
C ARG C 53 -13.62 -20.81 31.04
N ASP C 54 -13.45 -20.70 32.34
CA ASP C 54 -14.00 -19.59 33.08
C ASP C 54 -13.43 -18.22 32.74
N GLU C 55 -12.12 -18.13 32.56
CA GLU C 55 -11.54 -16.88 32.14
C GLU C 55 -11.94 -16.49 30.73
N ILE C 56 -11.97 -17.44 29.82
CA ILE C 56 -12.39 -17.14 28.48
C ILE C 56 -13.82 -16.69 28.51
N THR C 57 -14.64 -17.34 29.33
CA THR C 57 -16.01 -16.92 29.47
C THR C 57 -16.07 -15.50 30.06
N ARG C 58 -15.20 -15.20 31.00
CA ARG C 58 -15.19 -13.85 31.56
C ARG C 58 -14.82 -12.83 30.49
N ILE C 59 -13.75 -13.12 29.73
CA ILE C 59 -13.30 -12.21 28.67
C ILE C 59 -14.40 -12.02 27.64
N ALA C 60 -15.03 -13.11 27.22
CA ALA C 60 -16.09 -13.01 26.22
C ALA C 60 -17.26 -12.19 26.74
N ASN C 61 -17.58 -12.31 28.03
CA ASN C 61 -18.66 -11.50 28.55
C ASN C 61 -18.26 -10.03 28.64
N ALA C 62 -16.97 -9.75 28.88
CA ALA C 62 -16.53 -8.36 28.96
C ALA C 62 -16.47 -7.70 27.59
N GLU C 63 -16.34 -8.49 26.51
CA GLU C 63 -16.32 -7.98 25.14
C GLU C 63 -15.24 -6.91 24.93
N PRO C 64 -14.02 -7.11 25.43
CA PRO C 64 -13.06 -6.01 25.44
C PRO C 64 -12.61 -5.60 24.05
N GLY C 65 -12.65 -6.50 23.07
CA GLY C 65 -12.34 -6.11 21.71
C GLY C 65 -13.38 -5.16 21.15
N ARG C 66 -14.65 -5.43 21.48
CA ARG C 66 -15.73 -4.55 21.09
C ARG C 66 -15.55 -3.16 21.72
N TRP C 67 -15.18 -3.09 23.01
CA TRP C 67 -15.01 -1.80 23.65
C TRP C 67 -13.80 -1.05 23.09
N LEU C 68 -12.74 -1.76 22.73
CA LEU C 68 -11.61 -1.12 22.10
C LEU C 68 -11.99 -0.51 20.76
N ALA C 69 -12.82 -1.21 19.98
CA ALA C 69 -13.28 -0.65 18.71
C ALA C 69 -14.19 0.57 18.91
N ILE C 70 -15.08 0.51 19.90
CA ILE C 70 -15.92 1.66 20.21
C ILE C 70 -15.05 2.87 20.55
N GLY C 71 -14.07 2.66 21.43
CA GLY C 71 -13.18 3.73 21.82
C GLY C 71 -12.38 4.27 20.64
N LYS C 72 -11.91 3.39 19.76
CA LYS C 72 -11.19 3.88 18.57
C LYS C 72 -12.06 4.81 17.75
N THR C 73 -13.30 4.38 17.46
CA THR C 73 -14.18 5.23 16.67
C THR C 73 -14.42 6.57 17.36
N ASP C 74 -14.62 6.57 18.67
CA ASP C 74 -14.87 7.82 19.37
C ASP C 74 -13.66 8.74 19.30
N ILE C 75 -12.44 8.19 19.42
CA ILE C 75 -11.25 9.02 19.32
C ILE C 75 -11.19 9.65 17.93
N GLN C 76 -11.48 8.86 16.90
CA GLN C 76 -11.33 9.37 15.54
C GLN C 76 -12.37 10.45 15.22
N THR C 77 -13.64 10.21 15.57
CA THR C 77 -14.68 11.20 15.27
C THR C 77 -14.50 12.45 16.13
N GLY C 78 -13.95 12.30 17.34
CA GLY C 78 -13.61 13.48 18.13
C GLY C 78 -12.53 14.31 17.48
N MET C 79 -11.51 13.65 16.93
CA MET C 79 -10.48 14.32 16.15
C MET C 79 -11.11 15.07 14.99
N MET C 80 -12.00 14.39 14.27
CA MET C 80 -12.65 15.01 13.14
C MET C 80 -13.41 16.26 13.55
N ALA C 81 -14.05 16.22 14.72
CA ALA C 81 -14.82 17.37 15.21
C ALA C 81 -13.92 18.51 15.70
N ILE C 82 -12.81 18.20 16.38
CA ILE C 82 -11.90 19.25 16.80
C ILE C 82 -11.32 19.96 15.58
N ILE C 83 -10.96 19.17 14.54
CA ILE C 83 -10.42 19.72 13.31
C ILE C 83 -11.46 20.54 12.58
N ARG C 84 -12.75 20.12 12.62
CA ARG C 84 -13.77 20.98 12.05
C ARG C 84 -13.85 22.31 12.81
N ALA C 85 -13.74 22.27 14.13
CA ALA C 85 -13.73 23.54 14.86
C ALA C 85 -12.58 24.43 14.41
N ILE C 86 -11.44 23.86 14.04
CA ILE C 86 -10.33 24.69 13.56
C ILE C 86 -10.54 25.17 12.12
N ALA C 87 -10.83 24.24 11.20
CA ALA C 87 -10.84 24.53 9.77
C ALA C 87 -12.12 25.25 9.32
N GLN C 88 -13.23 25.05 10.03
CA GLN C 88 -14.48 25.79 9.80
C GLN C 88 -14.96 25.76 8.36
N PRO C 89 -15.50 24.63 7.87
CA PRO C 89 -16.13 24.62 6.55
C PRO C 89 -17.35 25.53 6.47
N ASP C 90 -17.67 25.92 5.23
CA ASP C 90 -18.72 26.85 4.85
C ASP C 90 -19.99 26.16 4.42
N SER C 91 -20.23 24.94 4.85
CA SER C 91 -21.38 24.16 4.43
C SER C 91 -21.99 23.48 5.65
N PHE C 92 -23.25 23.12 5.52
CA PHE C 92 -23.95 22.39 6.57
C PHE C 92 -23.19 21.15 7.08
N ASN D 2 -2.17 24.87 -2.40
CA ASN D 2 -1.96 23.44 -2.15
C ASN D 2 -1.91 23.07 -0.68
N GLN D 3 -2.88 23.54 0.09
CA GLN D 3 -2.90 23.30 1.52
C GLN D 3 -2.94 21.84 1.88
N HIS D 4 -3.49 21.02 1.00
CA HIS D 4 -3.64 19.62 1.32
C HIS D 4 -2.34 18.96 1.57
N LYS D 5 -1.33 19.32 0.80
CA LYS D 5 -0.05 18.70 0.94
C LYS D 5 0.57 19.07 2.26
N LYS D 6 0.09 20.13 2.88
CA LYS D 6 0.57 20.51 4.20
C LYS D 6 -0.16 19.87 5.40
N ILE D 7 -1.28 19.20 5.15
CA ILE D 7 -1.99 18.53 6.21
C ILE D 7 -1.71 17.04 6.21
N LYS D 8 -1.36 16.49 7.36
CA LYS D 8 -1.00 15.09 7.43
C LYS D 8 -2.10 14.15 7.04
N GLY D 9 -1.74 13.12 6.30
CA GLY D 9 -2.70 12.15 5.84
C GLY D 9 -3.54 12.59 4.67
N TYR D 10 -3.50 13.85 4.32
CA TYR D 10 -4.39 14.31 3.28
C TYR D 10 -3.81 13.85 2.01
N ARG D 11 -4.63 13.25 1.20
CA ARG D 11 -4.12 12.64 0.02
C ARG D 11 -4.68 13.30 -1.19
N ASP D 12 -3.98 13.20 -2.31
CA ASP D 12 -4.48 13.73 -3.56
C ASP D 12 -5.73 13.01 -3.89
N LEU D 13 -6.70 13.75 -4.38
CA LEU D 13 -8.01 13.15 -4.59
C LEU D 13 -8.34 13.19 -6.06
N SER D 14 -8.96 12.12 -6.54
CA SER D 14 -9.40 12.07 -7.92
C SER D 14 -10.63 12.92 -8.12
N GLN D 15 -10.86 13.31 -9.38
CA GLN D 15 -12.04 14.13 -9.66
C GLN D 15 -13.34 13.37 -9.39
N GLU D 16 -13.35 12.07 -9.65
CA GLU D 16 -14.53 11.26 -9.30
C GLU D 16 -14.80 11.28 -7.80
N GLU D 17 -13.75 11.16 -6.98
CA GLU D 17 -13.91 11.19 -5.53
C GLU D 17 -14.40 12.54 -5.04
N ILE D 18 -13.85 13.62 -5.63
CA ILE D 18 -14.21 15.00 -5.32
C ILE D 18 -15.69 15.27 -5.69
N ASP D 19 -16.13 14.71 -6.81
CA ASP D 19 -17.53 14.87 -7.20
C ASP D 19 -18.44 14.15 -6.21
N MET D 20 -18.08 12.95 -5.78
CA MET D 20 -18.89 12.24 -4.80
C MET D 20 -18.99 12.97 -3.47
N MET D 21 -17.90 13.58 -3.06
CA MET D 21 -17.88 14.33 -1.83
C MET D 21 -18.82 15.51 -1.89
N ASN D 22 -18.82 16.22 -3.01
CA ASN D 22 -19.73 17.33 -3.19
C ASN D 22 -21.17 16.90 -3.21
N ARG D 23 -21.45 15.74 -3.75
CA ARG D 23 -22.80 15.25 -3.78
C ARG D 23 -23.35 15.05 -2.39
N VAL D 24 -22.54 14.54 -1.47
CA VAL D 24 -22.97 14.39 -0.10
C VAL D 24 -23.26 15.74 0.50
N LYS D 25 -22.42 16.71 0.23
CA LYS D 25 -22.62 18.05 0.73
C LYS D 25 -23.88 18.69 0.21
N GLU D 26 -24.23 18.46 -1.05
CA GLU D 26 -25.47 18.94 -1.60
C GLU D 26 -26.69 18.32 -0.98
N LEU D 27 -26.66 17.03 -0.72
CA LEU D 27 -27.76 16.36 -0.05
C LEU D 27 -27.91 16.90 1.36
N GLY D 28 -26.79 17.20 1.97
CA GLY D 28 -26.84 17.79 3.29
C GLY D 28 -27.52 19.12 3.32
N SER D 29 -27.31 19.92 2.29
CA SER D 29 -27.92 21.22 2.23
C SER D 29 -29.44 21.08 2.25
N GLN D 30 -29.96 20.03 1.68
CA GLN D 30 -31.39 19.80 1.77
C GLN D 30 -31.81 19.51 3.18
N PHE D 31 -31.00 18.79 3.93
CA PHE D 31 -31.29 18.54 5.32
C PHE D 31 -31.29 19.81 6.14
N GLU D 32 -30.42 20.73 5.81
CA GLU D 32 -30.41 22.00 6.50
C GLU D 32 -31.73 22.71 6.32
N LYS D 33 -32.28 22.68 5.12
CA LYS D 33 -33.59 23.26 4.89
C LYS D 33 -34.69 22.58 5.67
N LEU D 34 -34.66 21.26 5.70
CA LEU D 34 -35.68 20.55 6.42
C LEU D 34 -35.59 20.88 7.90
N ILE D 35 -34.40 20.96 8.45
CA ILE D 35 -34.22 21.27 9.85
C ILE D 35 -34.72 22.66 10.16
N GLN D 36 -34.46 23.59 9.27
CA GLN D 36 -34.95 24.95 9.43
C GLN D 36 -36.44 24.99 9.41
N ASP D 37 -37.07 24.19 8.59
CA ASP D 37 -38.52 24.15 8.54
C ASP D 37 -39.09 23.54 9.79
N VAL D 38 -38.43 22.53 10.34
CA VAL D 38 -38.87 21.96 11.60
C VAL D 38 -38.73 22.96 12.75
N SER D 39 -37.65 23.72 12.78
CA SER D 39 -37.43 24.72 13.81
C SER D 39 -38.50 25.76 13.73
N ASP D 40 -38.84 26.16 12.52
CA ASP D 40 -39.89 27.13 12.32
C ASP D 40 -41.22 26.59 12.79
N HIS D 41 -41.48 25.31 12.55
CA HIS D 41 -42.68 24.70 13.03
C HIS D 41 -42.73 24.69 14.51
N LEU D 42 -41.62 24.39 15.16
CA LEU D 42 -41.58 24.32 16.60
C LEU D 42 -41.77 25.70 17.24
N ARG D 43 -41.20 26.73 16.65
CA ARG D 43 -41.40 28.06 17.18
C ARG D 43 -42.86 28.47 17.12
N GLY D 44 -43.51 28.16 16.03
CA GLY D 44 -44.90 28.48 15.89
C GLY D 44 -45.75 27.65 16.79
N GLN D 45 -45.38 26.40 16.99
CA GLN D 45 -46.11 25.57 17.90
C GLN D 45 -46.01 26.10 19.32
N TYR D 46 -44.84 26.55 19.72
CA TYR D 46 -44.67 27.02 21.06
C TYR D 46 -45.51 28.27 21.26
N ASN D 47 -45.42 29.20 20.34
CA ASN D 47 -46.15 30.44 20.50
C ASN D 47 -47.62 30.24 20.53
N ALA D 48 -48.10 29.36 19.68
CA ALA D 48 -49.51 29.04 19.67
C ALA D 48 -49.91 28.42 20.98
N SER D 49 -49.02 27.64 21.56
CA SER D 49 -49.36 26.93 22.76
C SER D 49 -49.10 27.70 24.03
N LEU D 50 -48.53 28.88 23.90
CA LEU D 50 -48.27 29.67 25.06
C LEU D 50 -49.59 30.01 25.66
N HIS D 51 -49.67 29.99 26.98
CA HIS D 51 -50.90 30.25 27.71
C HIS D 51 -51.82 29.05 27.83
N ASN D 52 -51.43 27.89 27.29
CA ASN D 52 -52.16 26.65 27.51
C ASN D 52 -51.14 25.92 28.35
N ARG D 53 -51.39 25.79 29.63
CA ARG D 53 -50.42 25.19 30.50
C ARG D 53 -50.10 23.76 30.23
N ASP D 54 -51.11 22.96 29.94
CA ASP D 54 -50.87 21.55 29.78
C ASP D 54 -50.12 21.32 28.50
N GLU D 55 -50.40 22.13 27.50
CA GLU D 55 -49.69 22.04 26.25
C GLU D 55 -48.24 22.45 26.36
N ILE D 56 -47.96 23.51 27.09
CA ILE D 56 -46.60 23.94 27.30
C ILE D 56 -45.80 22.92 28.10
N THR D 57 -46.42 22.31 29.08
CA THR D 57 -45.74 21.35 29.88
C THR D 57 -45.51 20.13 29.00
N ARG D 58 -46.42 19.84 28.09
CA ARG D 58 -46.16 18.72 27.19
C ARG D 58 -44.96 18.99 26.28
N ILE D 59 -44.94 20.16 25.65
CA ILE D 59 -43.82 20.51 24.76
C ILE D 59 -42.52 20.51 25.54
N ALA D 60 -42.52 21.03 26.77
CA ALA D 60 -41.31 21.06 27.60
C ALA D 60 -40.85 19.67 27.98
N ASN D 61 -41.78 18.75 28.29
CA ASN D 61 -41.35 17.40 28.58
C ASN D 61 -40.83 16.70 27.33
N ALA D 62 -41.37 17.03 26.16
CA ALA D 62 -40.92 16.37 24.93
C ALA D 62 -39.57 16.88 24.44
N GLU D 63 -39.18 18.11 24.82
CA GLU D 63 -37.86 18.67 24.46
C GLU D 63 -37.57 18.67 22.98
N PRO D 64 -38.49 19.12 22.12
CA PRO D 64 -38.26 18.93 20.68
C PRO D 64 -37.07 19.72 20.12
N GLY D 65 -36.76 20.90 20.67
CA GLY D 65 -35.58 21.63 20.21
C GLY D 65 -34.29 20.87 20.47
N ARG D 66 -34.22 20.20 21.61
CA ARG D 66 -33.07 19.37 21.93
C ARG D 66 -32.95 18.20 20.94
N TRP D 67 -34.06 17.54 20.62
CA TRP D 67 -33.99 16.42 19.68
C TRP D 67 -33.64 16.88 18.27
N LEU D 68 -34.12 18.06 17.87
CA LEU D 68 -33.73 18.59 16.57
C LEU D 68 -32.24 18.86 16.51
N ALA D 69 -31.66 19.41 17.59
CA ALA D 69 -30.21 19.63 17.60
C ALA D 69 -29.44 18.30 17.59
N ILE D 70 -29.90 17.30 18.34
CA ILE D 70 -29.25 16.00 18.32
C ILE D 70 -29.25 15.43 16.90
N GLY D 71 -30.42 15.49 16.24
CA GLY D 71 -30.51 14.99 14.88
C GLY D 71 -29.63 15.75 13.91
N LYS D 72 -29.58 17.08 14.05
CA LYS D 72 -28.70 17.86 13.19
C LYS D 72 -27.26 17.37 13.31
N THR D 73 -26.79 17.22 14.56
CA THR D 73 -25.44 16.72 14.79
C THR D 73 -25.21 15.33 14.17
N ASP D 74 -26.16 14.42 14.31
CA ASP D 74 -25.98 13.07 13.76
C ASP D 74 -25.90 13.09 12.23
N ILE D 75 -26.75 13.89 11.59
CA ILE D 75 -26.69 14.04 10.13
C ILE D 75 -25.34 14.60 9.70
N GLN D 76 -24.86 15.62 10.40
CA GLN D 76 -23.60 16.22 9.97
C GLN D 76 -22.43 15.24 10.14
N THR D 77 -22.38 14.52 11.27
CA THR D 77 -21.28 13.57 11.47
C THR D 77 -21.41 12.37 10.54
N GLY D 78 -22.63 11.96 10.21
CA GLY D 78 -22.81 10.92 9.20
C GLY D 78 -22.31 11.36 7.85
N MET D 79 -22.62 12.59 7.47
CA MET D 79 -22.05 13.18 6.26
C MET D 79 -20.53 13.12 6.29
N MET D 80 -19.96 13.52 7.44
CA MET D 80 -18.50 13.51 7.57
C MET D 80 -17.93 12.12 7.39
N ALA D 81 -18.61 11.09 7.92
CA ALA D 81 -18.10 9.72 7.84
C ALA D 81 -18.19 9.18 6.42
N ILE D 82 -19.29 9.47 5.72
CA ILE D 82 -19.41 9.05 4.31
C ILE D 82 -18.35 9.74 3.47
N ILE D 83 -18.11 11.04 3.71
CA ILE D 83 -17.08 11.72 2.96
C ILE D 83 -15.69 11.14 3.30
N ARG D 84 -15.48 10.76 4.56
CA ARG D 84 -14.21 10.13 4.91
C ARG D 84 -14.05 8.80 4.18
N ALA D 85 -15.12 8.02 4.06
CA ALA D 85 -15.04 6.77 3.30
C ALA D 85 -14.65 7.02 1.85
N ILE D 86 -15.08 8.14 1.29
CA ILE D 86 -14.68 8.46 -0.08
C ILE D 86 -13.23 8.96 -0.13
N ALA D 87 -12.89 9.97 0.66
CA ALA D 87 -11.61 10.67 0.56
C ALA D 87 -10.44 9.86 1.10
N GLN D 88 -10.69 8.98 2.07
CA GLN D 88 -9.74 8.02 2.58
C GLN D 88 -8.41 8.66 2.96
N PRO D 89 -8.34 9.42 4.03
CA PRO D 89 -7.04 9.93 4.47
C PRO D 89 -6.12 8.79 4.87
N ASP D 90 -4.82 9.05 4.79
CA ASP D 90 -3.76 8.09 5.06
C ASP D 90 -3.30 8.14 6.51
N SER D 91 -4.14 8.66 7.40
CA SER D 91 -3.78 8.86 8.78
C SER D 91 -4.91 8.34 9.68
N PHE D 92 -4.55 8.01 10.90
CA PHE D 92 -5.48 7.52 11.89
C PHE D 92 -6.74 8.42 12.07
N ASN E 2 21.27 -33.19 6.30
CA ASN E 2 20.96 -32.19 7.29
C ASN E 2 19.52 -32.21 7.75
N GLN E 3 18.65 -31.53 7.01
CA GLN E 3 17.26 -31.38 7.42
C GLN E 3 16.47 -32.65 7.52
N HIS E 4 16.66 -33.55 6.57
CA HIS E 4 15.85 -34.76 6.55
C HIS E 4 15.98 -35.64 7.73
N LYS E 5 17.17 -35.73 8.29
CA LYS E 5 17.38 -36.72 9.32
C LYS E 5 16.54 -36.63 10.58
N LYS E 6 16.26 -35.45 11.05
CA LYS E 6 15.52 -35.32 12.30
C LYS E 6 14.13 -35.90 12.19
N ILE E 7 13.49 -35.73 11.05
CA ILE E 7 12.17 -36.26 10.83
C ILE E 7 12.21 -37.73 10.46
N LYS E 8 11.40 -38.52 11.15
CA LYS E 8 11.37 -39.95 10.91
C LYS E 8 10.84 -40.36 9.55
N GLY E 9 11.50 -41.33 8.92
CA GLY E 9 11.04 -41.85 7.64
C GLY E 9 11.51 -41.12 6.42
N TYR E 10 12.12 -39.98 6.62
CA TYR E 10 12.59 -39.19 5.49
C TYR E 10 13.85 -39.82 4.96
N ARG E 11 14.08 -39.69 3.67
CA ARG E 11 15.22 -40.35 3.12
C ARG E 11 16.07 -39.51 2.22
N ASP E 12 17.34 -39.89 2.10
CA ASP E 12 18.22 -39.17 1.21
C ASP E 12 17.69 -39.37 -0.17
N LEU E 13 17.65 -38.31 -0.95
CA LEU E 13 17.03 -38.41 -2.25
C LEU E 13 17.99 -38.14 -3.37
N SER E 14 17.84 -38.87 -4.46
CA SER E 14 18.66 -38.65 -5.60
C SER E 14 18.28 -37.36 -6.26
N GLN E 15 19.18 -36.82 -7.04
CA GLN E 15 18.91 -35.57 -7.71
C GLN E 15 17.75 -35.72 -8.66
N GLU E 16 17.68 -36.83 -9.36
CA GLU E 16 16.63 -37.03 -10.33
C GLU E 16 15.30 -37.02 -9.63
N GLU E 17 15.24 -37.65 -8.47
CA GLU E 17 14.04 -37.65 -7.71
C GLU E 17 13.63 -36.26 -7.28
N ILE E 18 14.59 -35.45 -6.84
CA ILE E 18 14.31 -34.07 -6.45
C ILE E 18 13.80 -33.29 -7.64
N ASP E 19 14.38 -33.52 -8.79
CA ASP E 19 13.97 -32.80 -9.96
C ASP E 19 12.55 -33.09 -10.35
N MET E 20 12.15 -34.33 -10.29
CA MET E 20 10.76 -34.69 -10.56
C MET E 20 9.83 -34.13 -9.52
N MET E 21 10.25 -34.12 -8.26
CA MET E 21 9.44 -33.52 -7.22
C MET E 21 9.24 -32.07 -7.54
N ASN E 22 10.29 -31.40 -8.00
CA ASN E 22 10.19 -30.02 -8.39
C ASN E 22 9.28 -29.80 -9.58
N ARG E 23 9.27 -30.73 -10.51
CA ARG E 23 8.43 -30.59 -11.68
C ARG E 23 6.98 -30.54 -11.31
N VAL E 24 6.58 -31.39 -10.38
CA VAL E 24 5.21 -31.34 -9.92
C VAL E 24 4.88 -30.06 -9.20
N LYS E 25 5.80 -29.60 -8.36
CA LYS E 25 5.58 -28.37 -7.64
C LYS E 25 5.40 -27.23 -8.63
N GLU E 26 6.15 -27.27 -9.72
CA GLU E 26 6.08 -26.20 -10.71
C GLU E 26 4.80 -26.21 -11.47
N LEU E 27 4.33 -27.38 -11.81
CA LEU E 27 3.09 -27.47 -12.53
C LEU E 27 1.98 -26.98 -11.66
N GLY E 28 2.06 -27.26 -10.38
CA GLY E 28 1.08 -26.74 -9.46
C GLY E 28 1.05 -25.24 -9.38
N SER E 29 2.21 -24.61 -9.47
CA SER E 29 2.28 -23.19 -9.42
C SER E 29 1.48 -22.66 -10.59
N GLN E 30 1.53 -23.33 -11.72
CA GLN E 30 0.70 -22.92 -12.82
C GLN E 30 -0.77 -23.04 -12.52
N PHE E 31 -1.17 -24.08 -11.83
CA PHE E 31 -2.56 -24.25 -11.42
C PHE E 31 -2.99 -23.17 -10.45
N GLU E 32 -2.10 -22.75 -9.57
CA GLU E 32 -2.40 -21.71 -8.61
C GLU E 32 -2.76 -20.46 -9.34
N LYS E 33 -2.03 -20.18 -10.40
CA LYS E 33 -2.32 -19.02 -11.18
C LYS E 33 -3.68 -19.13 -11.85
N LEU E 34 -4.01 -20.29 -12.39
CA LEU E 34 -5.30 -20.48 -13.00
C LEU E 34 -6.38 -20.25 -11.98
N ILE E 35 -6.19 -20.75 -10.77
CA ILE E 35 -7.19 -20.61 -9.75
C ILE E 35 -7.40 -19.14 -9.43
N GLN E 36 -6.32 -18.38 -9.35
CA GLN E 36 -6.44 -16.98 -9.03
C GLN E 36 -7.27 -16.34 -10.11
N ASP E 37 -6.98 -16.65 -11.35
CA ASP E 37 -7.71 -16.03 -12.44
C ASP E 37 -9.18 -16.38 -12.37
N VAL E 38 -9.49 -17.62 -12.03
CA VAL E 38 -10.86 -18.02 -11.92
C VAL E 38 -11.54 -17.28 -10.77
N SER E 39 -10.84 -17.13 -9.66
CA SER E 39 -11.44 -16.37 -8.58
C SER E 39 -11.70 -14.96 -8.97
N ASP E 40 -10.79 -14.36 -9.70
CA ASP E 40 -10.94 -13.00 -10.13
C ASP E 40 -12.14 -12.89 -11.02
N HIS E 41 -12.35 -13.87 -11.88
CA HIS E 41 -13.50 -13.86 -12.72
C HIS E 41 -14.75 -13.90 -11.91
N LEU E 42 -14.78 -14.75 -10.90
CA LEU E 42 -15.96 -14.89 -10.08
C LEU E 42 -16.26 -13.63 -9.32
N ARG E 43 -15.22 -12.97 -8.85
CA ARG E 43 -15.41 -11.74 -8.12
C ARG E 43 -16.04 -10.70 -8.99
N GLY E 44 -15.59 -10.59 -10.22
CA GLY E 44 -16.19 -9.66 -11.14
C GLY E 44 -17.61 -10.06 -11.37
N GLN E 45 -17.85 -11.35 -11.48
CA GLN E 45 -19.19 -11.82 -11.78
C GLN E 45 -20.11 -11.42 -10.68
N TYR E 46 -19.65 -11.53 -9.45
CA TYR E 46 -20.51 -11.22 -8.33
C TYR E 46 -20.75 -9.74 -8.39
N ASN E 47 -19.68 -8.99 -8.54
CA ASN E 47 -19.80 -7.56 -8.55
C ASN E 47 -20.62 -7.02 -9.71
N ALA E 48 -20.46 -7.59 -10.89
CA ALA E 48 -21.15 -7.07 -12.05
C ALA E 48 -22.56 -7.55 -12.10
N SER E 49 -22.89 -8.48 -11.22
CA SER E 49 -24.29 -8.86 -11.16
C SER E 49 -24.98 -8.41 -9.90
N LEU E 50 -24.31 -7.57 -9.13
CA LEU E 50 -24.90 -7.17 -7.86
C LEU E 50 -26.18 -6.42 -8.06
N HIS E 51 -27.15 -6.69 -7.19
CA HIS E 51 -28.46 -6.04 -7.24
C HIS E 51 -29.38 -6.61 -8.28
N ASN E 52 -28.95 -7.60 -9.06
CA ASN E 52 -29.85 -8.29 -9.99
C ASN E 52 -30.79 -9.13 -9.20
N ARG E 53 -30.34 -9.63 -8.06
CA ARG E 53 -31.13 -10.50 -7.19
C ARG E 53 -31.26 -11.89 -7.74
N ASP E 54 -31.78 -12.05 -8.93
CA ASP E 54 -31.88 -13.34 -9.54
C ASP E 54 -30.52 -13.93 -9.78
N GLU E 55 -29.61 -13.11 -10.23
CA GLU E 55 -28.29 -13.60 -10.55
C GLU E 55 -27.52 -13.83 -9.30
N ILE E 56 -27.73 -12.97 -8.33
CA ILE E 56 -27.02 -13.11 -7.10
C ILE E 56 -27.49 -14.36 -6.40
N THR E 57 -28.79 -14.61 -6.44
CA THR E 57 -29.30 -15.80 -5.84
C THR E 57 -28.71 -17.00 -6.56
N ARG E 58 -28.68 -16.98 -7.88
CA ARG E 58 -28.17 -18.11 -8.63
C ARG E 58 -26.74 -18.41 -8.25
N ILE E 59 -25.92 -17.39 -8.22
CA ILE E 59 -24.53 -17.56 -7.83
C ILE E 59 -24.44 -18.15 -6.43
N ALA E 60 -25.28 -17.69 -5.51
CA ALA E 60 -25.26 -18.24 -4.15
C ALA E 60 -25.65 -19.72 -4.13
N ASN E 61 -26.61 -20.12 -4.96
CA ASN E 61 -26.99 -21.54 -4.98
C ASN E 61 -25.91 -22.41 -5.61
N ALA E 62 -25.19 -21.88 -6.60
CA ALA E 62 -24.15 -22.68 -7.26
C ALA E 62 -22.91 -22.83 -6.40
N GLU E 63 -22.70 -21.94 -5.43
CA GLU E 63 -21.59 -21.98 -4.47
C GLU E 63 -20.22 -22.03 -5.13
N PRO E 64 -19.95 -21.18 -6.12
CA PRO E 64 -18.70 -21.36 -6.89
C PRO E 64 -17.45 -21.11 -6.10
N GLY E 65 -17.45 -20.22 -5.11
CA GLY E 65 -16.26 -20.04 -4.30
C GLY E 65 -15.93 -21.30 -3.51
N ARG E 66 -16.97 -21.97 -2.99
CA ARG E 66 -16.81 -23.22 -2.28
C ARG E 66 -16.23 -24.31 -3.20
N TRP E 67 -16.73 -24.39 -4.44
CA TRP E 67 -16.22 -25.39 -5.38
C TRP E 67 -14.79 -25.07 -5.82
N LEU E 68 -14.46 -23.80 -5.99
CA LEU E 68 -13.09 -23.44 -6.31
C LEU E 68 -12.15 -23.82 -5.17
N ALA E 69 -12.57 -23.59 -3.92
CA ALA E 69 -11.76 -24.01 -2.78
C ALA E 69 -11.62 -25.54 -2.73
N ILE E 70 -12.71 -26.25 -3.03
CA ILE E 70 -12.65 -27.72 -3.09
C ILE E 70 -11.63 -28.19 -4.12
N GLY E 71 -11.67 -27.61 -5.32
CA GLY E 71 -10.72 -27.98 -6.35
C GLY E 71 -9.29 -27.65 -5.97
N LYS E 72 -9.08 -26.49 -5.36
CA LYS E 72 -7.73 -26.11 -4.93
C LYS E 72 -7.16 -27.16 -3.99
N THR E 73 -7.95 -27.54 -2.97
CA THR E 73 -7.50 -28.57 -2.03
C THR E 73 -7.19 -29.88 -2.72
N ASP E 74 -8.06 -30.31 -3.66
CA ASP E 74 -7.82 -31.59 -4.32
C ASP E 74 -6.53 -31.56 -5.13
N ILE E 75 -6.29 -30.44 -5.83
CA ILE E 75 -5.06 -30.31 -6.62
C ILE E 75 -3.83 -30.35 -5.72
N GLN E 76 -3.88 -29.65 -4.59
CA GLN E 76 -2.73 -29.61 -3.71
C GLN E 76 -2.44 -30.99 -3.11
N THR E 77 -3.50 -31.71 -2.70
CA THR E 77 -3.32 -33.04 -2.13
C THR E 77 -2.90 -34.06 -3.20
N GLY E 78 -3.35 -33.87 -4.44
CA GLY E 78 -2.87 -34.72 -5.52
C GLY E 78 -1.39 -34.53 -5.75
N MET E 79 -0.95 -33.28 -5.75
CA MET E 79 0.49 -33.02 -5.81
C MET E 79 1.22 -33.74 -4.70
N MET E 80 0.67 -33.64 -3.48
CA MET E 80 1.32 -34.28 -2.34
C MET E 80 1.43 -35.78 -2.51
N ALA E 81 0.40 -36.41 -3.10
CA ALA E 81 0.42 -37.85 -3.24
C ALA E 81 1.46 -38.28 -4.27
N ILE E 82 1.55 -37.54 -5.36
CA ILE E 82 2.57 -37.86 -6.36
C ILE E 82 3.97 -37.67 -5.80
N ILE E 83 4.17 -36.60 -5.05
CA ILE E 83 5.50 -36.44 -4.47
C ILE E 83 5.76 -37.57 -3.50
N ARG E 84 4.74 -38.04 -2.79
CA ARG E 84 4.96 -39.15 -1.89
C ARG E 84 5.38 -40.39 -2.67
N ALA E 85 4.75 -40.64 -3.82
CA ALA E 85 5.15 -41.75 -4.68
C ALA E 85 6.60 -41.61 -5.15
N ILE E 86 7.07 -40.37 -5.34
CA ILE E 86 8.46 -40.16 -5.75
C ILE E 86 9.43 -40.34 -4.58
N ALA E 87 9.22 -39.59 -3.50
CA ALA E 87 10.16 -39.52 -2.39
C ALA E 87 10.10 -40.76 -1.52
N GLN E 88 8.94 -41.41 -1.51
CA GLN E 88 8.75 -42.70 -0.87
C GLN E 88 9.19 -42.68 0.59
N PRO E 89 8.45 -42.01 1.46
CA PRO E 89 8.77 -42.10 2.87
C PRO E 89 8.62 -43.53 3.37
N ASP E 90 9.42 -43.85 4.38
CA ASP E 90 9.38 -45.17 4.97
C ASP E 90 8.64 -45.15 6.27
N SER E 91 7.52 -44.46 6.29
CA SER E 91 6.72 -44.40 7.47
C SER E 91 5.32 -44.58 7.01
N PHE E 92 4.45 -44.97 7.92
CA PHE E 92 3.06 -45.08 7.60
C PHE E 92 2.56 -43.69 7.21
N ASN F 2 21.05 -31.90 3.14
CA ASN F 2 21.22 -30.53 2.75
C ASN F 2 20.46 -30.23 1.46
N GLN F 3 19.56 -31.13 1.06
CA GLN F 3 18.85 -30.94 -0.20
C GLN F 3 17.45 -30.40 -0.09
N HIS F 4 17.02 -30.09 1.11
CA HIS F 4 15.72 -29.50 1.29
C HIS F 4 15.66 -28.18 0.60
N LYS F 5 16.74 -27.41 0.64
CA LYS F 5 16.80 -26.15 -0.08
C LYS F 5 16.66 -26.34 -1.58
N LYS F 6 17.23 -27.41 -2.12
CA LYS F 6 17.06 -27.69 -3.54
C LYS F 6 15.57 -27.92 -3.89
N ILE F 7 14.82 -28.57 -3.00
CA ILE F 7 13.40 -28.77 -3.26
C ILE F 7 12.61 -27.49 -3.08
N LYS F 8 11.77 -27.18 -4.05
CA LYS F 8 10.97 -25.98 -4.00
C LYS F 8 10.04 -25.91 -2.84
N GLY F 9 10.00 -24.77 -2.20
CA GLY F 9 9.07 -24.56 -1.11
C GLY F 9 9.51 -25.02 0.23
N TYR F 10 10.67 -25.64 0.31
CA TYR F 10 11.00 -26.17 1.59
C TYR F 10 11.83 -25.14 2.31
N ARG F 11 11.35 -24.75 3.46
CA ARG F 11 12.03 -23.73 4.20
C ARG F 11 12.64 -24.39 5.41
N ASP F 12 13.69 -23.78 5.95
CA ASP F 12 14.40 -24.39 7.06
C ASP F 12 13.52 -24.49 8.28
N LEU F 13 13.67 -25.55 9.06
CA LEU F 13 12.75 -25.75 10.16
C LEU F 13 13.27 -25.83 11.58
N SER F 14 12.49 -25.35 12.52
CA SER F 14 12.85 -25.42 13.92
C SER F 14 12.73 -26.83 14.43
N GLN F 15 13.57 -27.21 15.35
CA GLN F 15 13.51 -28.54 15.94
C GLN F 15 12.21 -28.78 16.70
N GLU F 16 11.64 -27.75 17.29
CA GLU F 16 10.37 -27.91 17.94
C GLU F 16 9.35 -28.34 16.90
N GLU F 17 9.43 -27.76 15.71
CA GLU F 17 8.54 -28.15 14.65
C GLU F 17 8.77 -29.61 14.29
N ILE F 18 10.02 -30.03 14.26
CA ILE F 18 10.34 -31.40 13.94
C ILE F 18 9.79 -32.34 14.98
N ASP F 19 9.89 -31.94 16.23
CA ASP F 19 9.42 -32.81 17.29
C ASP F 19 7.93 -33.01 17.16
N MET F 20 7.21 -31.95 16.84
CA MET F 20 5.80 -32.10 16.60
C MET F 20 5.52 -32.93 15.34
N MET F 21 6.30 -32.73 14.28
CA MET F 21 6.12 -33.47 13.04
C MET F 21 6.38 -34.94 13.30
N ASN F 22 7.35 -35.25 14.13
CA ASN F 22 7.65 -36.61 14.44
C ASN F 22 6.58 -37.22 15.28
N ARG F 23 5.97 -36.40 16.12
CA ARG F 23 4.93 -36.90 16.98
C ARG F 23 3.79 -37.38 16.12
N VAL F 24 3.50 -36.65 15.07
CA VAL F 24 2.44 -37.04 14.16
C VAL F 24 2.77 -38.40 13.58
N LYS F 25 4.00 -38.54 13.12
CA LYS F 25 4.40 -39.79 12.53
C LYS F 25 4.33 -40.95 13.52
N GLU F 26 4.72 -40.70 14.77
CA GLU F 26 4.67 -41.73 15.78
C GLU F 26 3.27 -42.19 16.07
N LEU F 27 2.34 -41.26 16.12
CA LEU F 27 0.98 -41.64 16.38
C LEU F 27 0.50 -42.49 15.25
N GLY F 28 0.96 -42.17 14.05
CA GLY F 28 0.56 -42.93 12.90
C GLY F 28 1.00 -44.35 12.98
N SER F 29 2.16 -44.58 13.54
CA SER F 29 2.68 -45.92 13.65
C SER F 29 1.73 -46.73 14.49
N GLN F 30 1.16 -46.12 15.51
CA GLN F 30 0.18 -46.81 16.31
C GLN F 30 -1.08 -47.07 15.52
N PHE F 31 -1.45 -46.17 14.61
CA PHE F 31 -2.58 -46.45 13.77
C PHE F 31 -2.34 -47.65 12.85
N GLU F 32 -1.13 -47.76 12.33
CA GLU F 32 -0.78 -48.86 11.45
C GLU F 32 -0.94 -50.18 12.15
N LYS F 33 -0.51 -50.25 13.40
CA LYS F 33 -0.63 -51.46 14.16
C LYS F 33 -2.06 -51.83 14.36
N LEU F 34 -2.87 -50.85 14.67
CA LEU F 34 -4.27 -51.10 14.87
C LEU F 34 -4.88 -51.59 13.59
N ILE F 35 -4.50 -51.00 12.46
CA ILE F 35 -5.00 -51.43 11.17
C ILE F 35 -4.61 -52.87 10.94
N GLN F 36 -3.39 -53.23 11.27
CA GLN F 36 -2.92 -54.60 11.08
C GLN F 36 -3.78 -55.53 11.87
N ASP F 37 -4.04 -55.17 13.10
CA ASP F 37 -4.85 -56.02 13.93
C ASP F 37 -6.25 -56.19 13.42
N VAL F 38 -6.83 -55.11 12.89
CA VAL F 38 -8.15 -55.23 12.29
C VAL F 38 -8.13 -56.15 11.07
N SER F 39 -7.11 -56.07 10.24
CA SER F 39 -7.01 -56.93 9.07
C SER F 39 -6.94 -58.38 9.50
N ASP F 40 -6.19 -58.65 10.56
CA ASP F 40 -6.10 -59.99 11.08
C ASP F 40 -7.44 -60.47 11.56
N HIS F 41 -8.20 -59.61 12.22
CA HIS F 41 -9.51 -59.98 12.71
C HIS F 41 -10.38 -60.32 11.58
N LEU F 42 -10.29 -59.54 10.53
CA LEU F 42 -11.08 -59.79 9.35
C LEU F 42 -10.75 -61.12 8.68
N ARG F 43 -9.47 -61.47 8.60
CA ARG F 43 -9.09 -62.72 7.97
C ARG F 43 -9.62 -63.89 8.74
N GLY F 44 -9.48 -63.85 10.05
CA GLY F 44 -10.00 -64.90 10.88
C GLY F 44 -11.49 -65.00 10.81
N GLN F 45 -12.17 -63.86 10.78
CA GLN F 45 -13.60 -63.85 10.69
C GLN F 45 -14.04 -64.50 9.40
N TYR F 46 -13.37 -64.18 8.31
CA TYR F 46 -13.76 -64.73 7.03
C TYR F 46 -13.48 -66.22 7.03
N ASN F 47 -12.33 -66.59 7.53
CA ASN F 47 -11.97 -67.98 7.52
C ASN F 47 -12.92 -68.81 8.36
N ALA F 48 -13.22 -68.33 9.54
CA ALA F 48 -14.04 -69.10 10.43
C ALA F 48 -15.46 -69.17 9.91
N SER F 49 -15.82 -68.25 9.04
CA SER F 49 -17.18 -68.22 8.57
C SER F 49 -17.32 -68.92 7.26
N LEU F 50 -16.27 -69.57 6.81
CA LEU F 50 -16.31 -70.16 5.49
C LEU F 50 -17.40 -71.19 5.37
N HIS F 51 -18.15 -71.12 4.29
CA HIS F 51 -19.23 -72.06 4.02
C HIS F 51 -20.48 -71.89 4.86
N ASN F 52 -20.58 -70.85 5.71
CA ASN F 52 -21.82 -70.56 6.42
C ASN F 52 -22.73 -70.11 5.34
N ARG F 53 -22.22 -69.26 4.46
CA ARG F 53 -22.95 -68.84 3.27
C ARG F 53 -24.01 -67.80 3.43
N ASP F 54 -24.30 -67.41 4.65
CA ASP F 54 -25.24 -66.34 4.82
C ASP F 54 -24.35 -65.35 5.48
N GLU F 55 -23.35 -65.88 6.16
CA GLU F 55 -22.42 -65.02 6.83
C GLU F 55 -21.41 -64.54 5.83
N ILE F 56 -20.94 -65.43 4.97
CA ILE F 56 -20.00 -65.03 3.95
C ILE F 56 -20.61 -64.00 3.04
N THR F 57 -21.87 -64.19 2.70
CA THR F 57 -22.55 -63.23 1.86
C THR F 57 -22.65 -61.89 2.58
N ARG F 58 -22.89 -61.93 3.87
CA ARG F 58 -22.96 -60.72 4.64
C ARG F 58 -21.59 -60.08 4.73
N ILE F 59 -20.58 -60.88 5.00
CA ILE F 59 -19.23 -60.31 5.02
C ILE F 59 -18.90 -59.69 3.67
N ALA F 60 -19.25 -60.37 2.58
CA ALA F 60 -18.99 -59.84 1.25
C ALA F 60 -19.74 -58.54 0.99
N ASN F 61 -20.99 -58.44 1.47
CA ASN F 61 -21.73 -57.21 1.25
C ASN F 61 -21.17 -56.06 2.08
N ALA F 62 -20.63 -56.35 3.25
CA ALA F 62 -20.09 -55.29 4.09
C ALA F 62 -18.77 -54.71 3.57
N GLU F 63 -18.04 -55.47 2.75
CA GLU F 63 -16.77 -55.02 2.17
C GLU F 63 -15.78 -54.49 3.20
N PRO F 64 -15.56 -55.19 4.32
CA PRO F 64 -14.76 -54.59 5.40
C PRO F 64 -13.31 -54.38 5.02
N GLY F 65 -12.75 -55.20 4.13
CA GLY F 65 -11.39 -54.93 3.66
C GLY F 65 -11.31 -53.63 2.90
N ARG F 66 -12.33 -53.34 2.08
CA ARG F 66 -12.36 -52.09 1.34
C ARG F 66 -12.43 -50.90 2.29
N TRP F 67 -13.24 -50.99 3.35
CA TRP F 67 -13.34 -49.92 4.33
C TRP F 67 -12.05 -49.77 5.13
N LEU F 68 -11.37 -50.88 5.42
CA LEU F 68 -10.09 -50.76 6.10
C LEU F 68 -9.08 -50.02 5.25
N ALA F 69 -9.05 -50.30 3.94
CA ALA F 69 -8.14 -49.59 3.04
C ALA F 69 -8.48 -48.10 2.96
N ILE F 70 -9.77 -47.78 2.89
CA ILE F 70 -10.21 -46.39 2.88
C ILE F 70 -9.71 -45.68 4.14
N GLY F 71 -9.89 -46.34 5.28
CA GLY F 71 -9.45 -45.73 6.53
C GLY F 71 -7.96 -45.50 6.57
N LYS F 72 -7.18 -46.48 6.09
CA LYS F 72 -5.72 -46.29 6.05
C LYS F 72 -5.35 -45.06 5.22
N THR F 73 -5.94 -44.94 4.04
CA THR F 73 -5.64 -43.77 3.21
C THR F 73 -6.04 -42.46 3.89
N ASP F 74 -7.23 -42.41 4.49
CA ASP F 74 -7.67 -41.16 5.10
C ASP F 74 -6.76 -40.75 6.25
N ILE F 75 -6.33 -41.73 7.06
CA ILE F 75 -5.41 -41.43 8.14
C ILE F 75 -4.04 -40.97 7.62
N GLN F 76 -3.50 -41.65 6.60
CA GLN F 76 -2.20 -41.23 6.13
C GLN F 76 -2.26 -39.83 5.51
N THR F 77 -3.30 -39.55 4.71
CA THR F 77 -3.41 -38.23 4.11
C THR F 77 -3.67 -37.16 5.16
N GLY F 78 -4.39 -37.51 6.23
CA GLY F 78 -4.57 -36.58 7.34
C GLY F 78 -3.27 -36.26 8.05
N MET F 79 -2.45 -37.30 8.31
CA MET F 79 -1.13 -37.09 8.88
C MET F 79 -0.35 -36.12 8.03
N MET F 80 -0.36 -36.33 6.72
CA MET F 80 0.35 -35.45 5.81
C MET F 80 -0.18 -34.02 5.89
N ALA F 81 -1.49 -33.85 6.04
CA ALA F 81 -2.02 -32.50 6.09
C ALA F 81 -1.60 -31.79 7.36
N ILE F 82 -1.63 -32.49 8.49
CA ILE F 82 -1.18 -31.90 9.74
C ILE F 82 0.29 -31.53 9.65
N ILE F 83 1.10 -32.41 9.06
CA ILE F 83 2.52 -32.10 8.92
C ILE F 83 2.73 -30.90 8.01
N ARG F 84 1.88 -30.68 7.03
CA ARG F 84 2.02 -29.49 6.20
C ARG F 84 1.70 -28.22 6.96
N ALA F 85 0.73 -28.27 7.85
CA ALA F 85 0.39 -27.11 8.64
C ALA F 85 1.55 -26.75 9.51
N ILE F 86 2.20 -27.74 10.10
CA ILE F 86 3.38 -27.46 10.87
C ILE F 86 4.55 -26.95 10.04
N ALA F 87 4.82 -27.61 8.93
CA ALA F 87 5.99 -27.26 8.12
C ALA F 87 5.91 -25.97 7.35
N GLN F 88 4.72 -25.58 7.00
CA GLN F 88 4.53 -24.35 6.26
C GLN F 88 5.37 -24.17 4.99
N PRO F 89 5.13 -25.01 3.99
CA PRO F 89 5.86 -24.85 2.75
C PRO F 89 5.63 -23.54 2.02
N ASP F 90 6.63 -23.08 1.30
CA ASP F 90 6.56 -21.82 0.59
C ASP F 90 5.69 -21.77 -0.61
N SER F 91 5.29 -22.91 -1.13
CA SER F 91 4.56 -22.90 -2.37
C SER F 91 3.24 -23.61 -2.39
N PHE F 92 2.45 -23.35 -3.41
CA PHE F 92 1.19 -24.02 -3.63
C PHE F 92 1.26 -25.55 -3.48
#